data_1PEI
#
_entry.id   1PEI
#
_cell.length_a   1.000
_cell.length_b   1.000
_cell.length_c   1.000
_cell.angle_alpha   90.00
_cell.angle_beta   90.00
_cell.angle_gamma   90.00
#
_symmetry.space_group_name_H-M   'P 1'
#
_entity_poly.entity_id   1
_entity_poly.type   'polypeptide(L)'
_entity_poly.pdbx_seq_one_letter_code
;(ACE)VEEKSIDLIQKWEEKSREFIGS(NH2)
;
_entity_poly.pdbx_strand_id   A
#
# COMPACT_ATOMS: atom_id res chain seq x y z
N VAL A 2 -9.30 16.87 -2.66
CA VAL A 2 -8.14 16.12 -2.23
C VAL A 2 -8.30 14.64 -2.52
N GLU A 3 -7.27 14.04 -3.08
CA GLU A 3 -7.28 12.61 -3.37
C GLU A 3 -5.88 12.07 -3.52
N GLU A 4 -4.97 12.64 -2.77
CA GLU A 4 -3.56 12.21 -2.76
C GLU A 4 -3.25 11.31 -1.57
N LYS A 5 -3.88 11.70 -0.47
CA LYS A 5 -3.78 10.98 0.80
C LYS A 5 -4.28 9.57 0.66
N SER A 6 -5.35 9.42 -0.13
CA SER A 6 -5.94 8.11 -0.37
C SER A 6 -4.99 7.22 -1.14
N ILE A 7 -4.30 7.81 -2.11
CA ILE A 7 -3.33 7.06 -2.91
C ILE A 7 -2.14 6.52 -2.13
N ASP A 8 -1.93 7.13 -0.97
CA ASP A 8 -0.85 6.73 -0.07
C ASP A 8 -1.26 5.57 0.84
N LEU A 9 -2.57 5.49 1.04
CA LEU A 9 -3.17 4.45 1.86
C LEU A 9 -3.45 3.15 1.12
N ILE A 10 -3.47 3.27 -0.20
CA ILE A 10 -3.70 2.12 -1.08
C ILE A 10 -2.54 1.85 -2.04
N GLN A 11 -1.43 2.51 -1.78
CA GLN A 11 -0.15 2.32 -2.48
C GLN A 11 0.79 1.61 -1.51
N LYS A 12 0.71 2.07 -0.27
CA LYS A 12 1.37 1.40 0.86
C LYS A 12 0.90 -0.05 0.99
N TRP A 13 -0.25 -0.30 0.41
CA TRP A 13 -0.92 -1.60 0.40
C TRP A 13 -0.44 -2.55 -0.72
N GLU A 14 0.17 -1.93 -1.70
CA GLU A 14 0.80 -2.58 -2.85
C GLU A 14 2.19 -3.10 -2.49
N GLU A 15 2.71 -2.56 -1.40
CA GLU A 15 3.97 -2.97 -0.79
C GLU A 15 3.68 -3.91 0.37
N LYS A 16 2.50 -3.73 0.94
CA LYS A 16 1.97 -4.58 1.99
C LYS A 16 1.71 -5.98 1.47
N SER A 17 1.18 -6.01 0.25
CA SER A 17 0.84 -7.25 -0.42
C SER A 17 2.08 -8.16 -0.49
N ARG A 18 3.17 -7.49 -0.85
CA ARG A 18 4.47 -8.14 -0.96
C ARG A 18 4.98 -8.56 0.40
N GLU A 19 4.62 -7.80 1.42
CA GLU A 19 4.96 -8.13 2.80
C GLU A 19 4.34 -9.44 3.22
N PHE A 20 3.23 -9.79 2.58
CA PHE A 20 2.53 -11.04 2.80
C PHE A 20 3.47 -12.24 2.67
N ILE A 21 3.58 -12.69 1.45
CA ILE A 21 4.40 -13.84 1.08
C ILE A 21 5.87 -13.62 1.39
N GLY A 22 6.26 -12.37 1.60
CA GLY A 22 7.64 -12.04 1.95
C GLY A 22 7.97 -12.51 3.35
N SER A 23 6.99 -12.38 4.23
CA SER A 23 7.12 -12.78 5.63
C SER A 23 6.10 -13.83 5.98
N VAL A 2 -9.44 16.51 -2.71
CA VAL A 2 -8.06 16.10 -2.73
C VAL A 2 -7.95 14.60 -2.51
N GLU A 3 -7.37 13.92 -3.47
CA GLU A 3 -7.22 12.47 -3.40
C GLU A 3 -5.80 12.04 -3.67
N GLU A 4 -4.89 12.59 -2.90
CA GLU A 4 -3.45 12.25 -2.99
C GLU A 4 -3.02 11.41 -1.81
N LYS A 5 -3.53 11.84 -0.66
CA LYS A 5 -3.30 11.19 0.62
C LYS A 5 -3.91 9.81 0.64
N SER A 6 -5.04 9.67 -0.04
CA SER A 6 -5.74 8.40 -0.15
C SER A 6 -4.87 7.34 -0.80
N ILE A 7 -4.17 7.72 -1.85
CA ILE A 7 -3.28 6.79 -2.55
C ILE A 7 -2.11 6.30 -1.69
N ASP A 8 -1.80 7.07 -0.68
CA ASP A 8 -0.70 6.75 0.23
C ASP A 8 -1.03 5.56 1.14
N LEU A 9 -2.33 5.39 1.34
CA LEU A 9 -2.85 4.29 2.13
C LEU A 9 -3.22 3.07 1.31
N ILE A 10 -3.48 3.32 0.03
CA ILE A 10 -3.82 2.24 -0.90
C ILE A 10 -2.66 1.86 -1.80
N GLN A 11 -1.53 2.50 -1.57
CA GLN A 11 -0.24 2.18 -2.17
C GLN A 11 0.57 1.42 -1.14
N LYS A 12 0.36 1.81 0.12
CA LYS A 12 0.95 1.07 1.24
C LYS A 12 0.49 -0.38 1.27
N TRP A 13 -0.66 -0.58 0.64
CA TRP A 13 -1.29 -1.89 0.52
C TRP A 13 -0.70 -2.76 -0.59
N GLU A 14 -0.10 -2.06 -1.53
CA GLU A 14 0.63 -2.66 -2.66
C GLU A 14 2.01 -3.15 -2.25
N GLU A 15 2.43 -2.70 -1.08
CA GLU A 15 3.63 -3.13 -0.39
C GLU A 15 3.24 -4.14 0.69
N LYS A 16 2.00 -4.04 1.12
CA LYS A 16 1.37 -4.96 2.07
C LYS A 16 1.31 -6.36 1.45
N SER A 17 0.99 -6.36 0.17
CA SER A 17 0.91 -7.60 -0.61
C SER A 17 2.24 -8.34 -0.54
N ARG A 18 3.28 -7.52 -0.73
CA ARG A 18 4.66 -7.99 -0.70
C ARG A 18 5.07 -8.40 0.70
N GLU A 19 4.39 -7.88 1.70
CA GLU A 19 4.65 -8.25 3.09
C GLU A 19 4.18 -9.66 3.36
N PHE A 20 3.15 -10.06 2.63
CA PHE A 20 2.61 -11.42 2.72
C PHE A 20 3.65 -12.43 2.24
N ILE A 21 3.64 -12.62 0.94
CA ILE A 21 4.52 -13.54 0.24
C ILE A 21 5.99 -13.24 0.48
N GLY A 22 6.30 -12.08 1.01
CA GLY A 22 7.68 -11.72 1.33
C GLY A 22 8.08 -12.31 2.66
N SER A 23 7.16 -12.25 3.61
CA SER A 23 7.36 -12.79 4.95
C SER A 23 8.27 -11.91 5.77
N VAL A 2 -6.13 17.48 -4.21
CA VAL A 2 -6.56 16.58 -3.15
C VAL A 2 -6.57 15.14 -3.61
N GLU A 3 -7.10 14.28 -2.77
CA GLU A 3 -7.19 12.85 -3.07
C GLU A 3 -5.83 12.26 -3.35
N GLU A 4 -4.84 12.78 -2.67
CA GLU A 4 -3.44 12.31 -2.79
C GLU A 4 -3.07 11.37 -1.63
N LYS A 5 -3.60 11.76 -0.48
CA LYS A 5 -3.42 11.01 0.75
C LYS A 5 -4.00 9.62 0.65
N SER A 6 -5.11 9.53 -0.06
CA SER A 6 -5.78 8.25 -0.28
C SER A 6 -4.91 7.30 -1.05
N ILE A 7 -4.20 7.83 -2.03
CA ILE A 7 -3.29 7.01 -2.85
C ILE A 7 -2.14 6.39 -2.06
N ASP A 8 -1.87 7.00 -0.91
CA ASP A 8 -0.84 6.54 0.02
C ASP A 8 -1.37 5.47 0.97
N LEU A 9 -2.68 5.53 1.15
CA LEU A 9 -3.39 4.55 1.99
C LEU A 9 -3.69 3.24 1.26
N ILE A 10 -3.61 3.32 -0.05
CA ILE A 10 -3.82 2.15 -0.91
C ILE A 10 -2.60 1.80 -1.76
N GLN A 11 -1.51 2.48 -1.50
CA GLN A 11 -0.20 2.20 -2.09
C GLN A 11 0.64 1.47 -1.05
N LYS A 12 0.45 1.91 0.19
CA LYS A 12 1.04 1.22 1.34
C LYS A 12 0.52 -0.23 1.46
N TRP A 13 -0.58 -0.45 0.77
CA TRP A 13 -1.22 -1.76 0.69
C TRP A 13 -0.64 -2.67 -0.38
N GLU A 14 -0.03 -2.02 -1.35
CA GLU A 14 0.68 -2.65 -2.46
C GLU A 14 2.09 -3.09 -2.05
N GLU A 15 2.51 -2.57 -0.92
CA GLU A 15 3.74 -2.93 -0.24
C GLU A 15 3.41 -3.91 0.87
N LYS A 16 2.20 -3.73 1.42
CA LYS A 16 1.62 -4.60 2.42
C LYS A 16 1.57 -6.03 1.90
N SER A 17 1.18 -6.11 0.63
CA SER A 17 1.09 -7.40 -0.07
C SER A 17 2.45 -8.08 -0.09
N ARG A 18 3.43 -7.25 -0.43
CA ARG A 18 4.82 -7.69 -0.56
C ARG A 18 5.45 -8.00 0.78
N GLU A 19 4.84 -7.56 1.86
CA GLU A 19 5.33 -7.85 3.21
C GLU A 19 5.00 -9.28 3.57
N PHE A 20 3.73 -9.62 3.35
CA PHE A 20 3.21 -10.96 3.54
C PHE A 20 4.07 -12.00 2.81
N ILE A 21 3.79 -12.09 1.52
CA ILE A 21 4.44 -13.02 0.61
C ILE A 21 5.91 -12.73 0.45
N GLY A 22 6.33 -11.52 0.78
CA GLY A 22 7.73 -11.14 0.71
C GLY A 22 8.54 -11.89 1.76
N SER A 23 7.92 -12.07 2.92
CA SER A 23 8.55 -12.74 4.05
C SER A 23 7.52 -13.18 5.05
N VAL A 2 -8.60 16.70 -5.70
CA VAL A 2 -8.07 15.36 -5.88
C VAL A 2 -7.79 14.70 -4.56
N GLU A 3 -7.31 13.47 -4.62
CA GLU A 3 -6.97 12.72 -3.41
C GLU A 3 -5.56 12.19 -3.48
N GLU A 4 -4.71 12.69 -2.59
CA GLU A 4 -3.29 12.29 -2.55
C GLU A 4 -3.01 11.44 -1.31
N LYS A 5 -3.47 12.01 -0.20
CA LYS A 5 -3.36 11.40 1.12
C LYS A 5 -3.95 10.02 1.13
N SER A 6 -5.06 9.86 0.43
CA SER A 6 -5.77 8.58 0.37
C SER A 6 -4.96 7.55 -0.37
N ILE A 7 -4.25 7.99 -1.40
CA ILE A 7 -3.40 7.10 -2.18
C ILE A 7 -2.23 6.51 -1.41
N ASP A 8 -1.90 7.20 -0.34
CA ASP A 8 -0.82 6.79 0.57
C ASP A 8 -1.27 5.68 1.52
N LEU A 9 -2.58 5.67 1.74
CA LEU A 9 -3.21 4.66 2.57
C LEU A 9 -3.50 3.36 1.81
N ILE A 10 -3.49 3.50 0.50
CA ILE A 10 -3.70 2.37 -0.40
C ILE A 10 -2.48 2.07 -1.26
N GLN A 11 -1.40 2.79 -1.00
CA GLN A 11 -0.09 2.55 -1.60
C GLN A 11 0.77 1.83 -0.59
N LYS A 12 0.54 2.16 0.68
CA LYS A 12 1.15 1.43 1.79
C LYS A 12 0.70 -0.04 1.79
N TRP A 13 -0.40 -0.25 1.11
CA TRP A 13 -1.03 -1.58 0.94
C TRP A 13 -0.42 -2.42 -0.17
N GLU A 14 0.27 -1.73 -1.04
CA GLU A 14 1.03 -2.30 -2.15
C GLU A 14 2.39 -2.83 -1.71
N GLU A 15 2.76 -2.41 -0.51
CA GLU A 15 3.96 -2.86 0.19
C GLU A 15 3.57 -3.92 1.19
N LYS A 16 2.35 -3.80 1.68
CA LYS A 16 1.71 -4.77 2.57
C LYS A 16 1.56 -6.10 1.86
N SER A 17 1.17 -5.99 0.60
CA SER A 17 0.98 -7.16 -0.26
C SER A 17 2.26 -7.98 -0.32
N ARG A 18 3.34 -7.21 -0.51
CA ARG A 18 4.67 -7.78 -0.62
C ARG A 18 5.15 -8.36 0.70
N GLU A 19 4.58 -7.88 1.79
CA GLU A 19 4.90 -8.42 3.12
C GLU A 19 4.33 -9.82 3.27
N PHE A 20 3.21 -10.05 2.60
CA PHE A 20 2.55 -11.35 2.59
C PHE A 20 3.47 -12.39 1.98
N ILE A 21 3.38 -12.48 0.67
CA ILE A 21 4.15 -13.42 -0.15
C ILE A 21 5.63 -13.23 0.01
N GLY A 22 6.05 -12.12 0.59
CA GLY A 22 7.47 -11.86 0.84
C GLY A 22 7.95 -12.72 2.00
N SER A 23 7.11 -12.79 3.02
CA SER A 23 7.37 -13.60 4.21
C SER A 23 6.13 -14.31 4.66
N VAL A 2 -6.74 16.78 -4.69
CA VAL A 2 -7.07 16.03 -3.51
C VAL A 2 -7.11 14.54 -3.78
N GLU A 3 -7.71 13.81 -2.87
CA GLU A 3 -7.80 12.36 -2.97
C GLU A 3 -6.46 11.74 -3.29
N GLU A 4 -5.40 12.39 -2.86
CA GLU A 4 -4.02 11.95 -3.09
C GLU A 4 -3.52 11.14 -1.90
N LYS A 5 -3.77 11.75 -0.75
CA LYS A 5 -3.40 11.16 0.54
C LYS A 5 -3.94 9.75 0.68
N SER A 6 -5.13 9.55 0.16
CA SER A 6 -5.79 8.24 0.24
C SER A 6 -5.02 7.18 -0.53
N ILE A 7 -4.48 7.58 -1.67
CA ILE A 7 -3.69 6.68 -2.51
C ILE A 7 -2.34 6.29 -1.91
N ASP A 8 -1.90 7.12 -0.99
CA ASP A 8 -0.60 6.94 -0.32
C ASP A 8 -0.63 5.81 0.70
N LEU A 9 -1.82 5.59 1.20
CA LEU A 9 -2.12 4.50 2.12
C LEU A 9 -2.40 3.23 1.34
N ILE A 10 -3.09 3.46 0.21
CA ILE A 10 -3.44 2.33 -0.66
C ILE A 10 -2.30 1.98 -1.59
N GLN A 11 -1.20 2.67 -1.42
CA GLN A 11 0.08 2.40 -2.07
C GLN A 11 1.00 1.77 -1.05
N LYS A 12 0.83 2.18 0.20
CA LYS A 12 1.51 1.53 1.32
C LYS A 12 1.09 0.07 1.45
N TRP A 13 -0.11 -0.16 0.94
CA TRP A 13 -0.76 -1.47 0.94
C TRP A 13 -0.21 -2.43 -0.12
N GLU A 14 0.47 -1.83 -1.07
CA GLU A 14 1.19 -2.53 -2.12
C GLU A 14 2.54 -3.05 -1.62
N GLU A 15 2.89 -2.60 -0.43
CA GLU A 15 4.06 -3.03 0.33
C GLU A 15 3.63 -4.07 1.35
N LYS A 16 2.39 -3.92 1.80
CA LYS A 16 1.71 -4.85 2.70
C LYS A 16 1.57 -6.19 2.02
N SER A 17 1.19 -6.12 0.77
CA SER A 17 0.97 -7.31 -0.07
C SER A 17 2.26 -8.11 -0.18
N ARG A 18 3.31 -7.34 -0.44
CA ARG A 18 4.66 -7.88 -0.57
C ARG A 18 5.19 -8.38 0.75
N GLU A 19 4.60 -7.93 1.85
CA GLU A 19 4.98 -8.40 3.18
C GLU A 19 4.48 -9.81 3.40
N PHE A 20 3.33 -10.10 2.82
CA PHE A 20 2.72 -11.42 2.89
C PHE A 20 3.58 -12.44 2.13
N ILE A 21 3.36 -12.45 0.83
CA ILE A 21 4.06 -13.33 -0.10
C ILE A 21 5.54 -13.08 -0.14
N GLY A 22 5.98 -11.95 0.39
CA GLY A 22 7.40 -11.61 0.44
C GLY A 22 8.11 -12.33 1.56
N SER A 23 7.39 -12.56 2.64
CA SER A 23 7.88 -13.26 3.82
C SER A 23 8.82 -14.39 3.47
N VAL A 2 -8.06 17.26 -1.62
CA VAL A 2 -7.91 16.40 -2.78
C VAL A 2 -7.71 14.97 -2.38
N GLU A 3 -7.79 14.08 -3.35
CA GLU A 3 -7.65 12.65 -3.10
C GLU A 3 -6.27 12.14 -3.49
N GLU A 4 -5.26 12.76 -2.92
CA GLU A 4 -3.86 12.37 -3.17
C GLU A 4 -3.38 11.48 -2.02
N LYS A 5 -3.69 11.97 -0.83
CA LYS A 5 -3.38 11.30 0.42
C LYS A 5 -4.04 9.94 0.47
N SER A 6 -5.19 9.84 -0.14
CA SER A 6 -5.95 8.60 -0.22
C SER A 6 -5.14 7.49 -0.84
N ILE A 7 -4.39 7.81 -1.88
CA ILE A 7 -3.58 6.81 -2.58
C ILE A 7 -2.46 6.22 -1.74
N ASP A 8 -2.04 6.99 -0.75
CA ASP A 8 -0.99 6.58 0.17
C ASP A 8 -1.46 5.46 1.10
N LEU A 9 -2.77 5.44 1.28
CA LEU A 9 -3.44 4.44 2.10
C LEU A 9 -3.74 3.15 1.35
N ILE A 10 -3.66 3.25 0.03
CA ILE A 10 -3.88 2.10 -0.86
C ILE A 10 -2.72 1.82 -1.78
N GLN A 11 -1.60 2.49 -1.54
CA GLN A 11 -0.33 2.26 -2.23
C GLN A 11 0.61 1.56 -1.27
N LYS A 12 0.53 1.97 -0.02
CA LYS A 12 1.25 1.27 1.05
C LYS A 12 0.78 -0.17 1.18
N TRP A 13 -0.43 -0.37 0.68
CA TRP A 13 -1.09 -1.68 0.65
C TRP A 13 -0.57 -2.62 -0.44
N GLU A 14 0.00 -1.99 -1.43
CA GLU A 14 0.66 -2.64 -2.56
C GLU A 14 2.04 -3.17 -2.16
N GLU A 15 2.51 -2.65 -1.03
CA GLU A 15 3.71 -3.08 -0.34
C GLU A 15 3.32 -4.06 0.75
N LYS A 16 2.07 -3.96 1.17
CA LYS A 16 1.44 -4.86 2.13
C LYS A 16 1.40 -6.27 1.55
N SER A 17 1.09 -6.31 0.26
CA SER A 17 1.03 -7.57 -0.48
C SER A 17 2.39 -8.27 -0.41
N ARG A 18 3.40 -7.43 -0.64
CA ARG A 18 4.79 -7.86 -0.61
C ARG A 18 5.24 -8.26 0.78
N GLU A 19 4.52 -7.79 1.79
CA GLU A 19 4.81 -8.13 3.18
C GLU A 19 4.36 -9.54 3.47
N PHE A 20 3.26 -9.94 2.84
CA PHE A 20 2.68 -11.26 3.04
C PHE A 20 3.58 -12.37 2.48
N ILE A 21 3.59 -12.41 1.16
CA ILE A 21 4.39 -13.35 0.38
C ILE A 21 5.87 -13.11 0.55
N GLY A 22 6.24 -11.94 1.02
CA GLY A 22 7.64 -11.63 1.28
C GLY A 22 7.90 -11.27 2.73
N SER A 23 7.11 -11.86 3.61
CA SER A 23 7.25 -11.66 5.05
C SER A 23 8.62 -12.05 5.52
N VAL A 2 -8.67 16.89 -1.50
CA VAL A 2 -7.73 16.33 -2.44
C VAL A 2 -7.95 14.84 -2.62
N GLU A 3 -7.05 14.22 -3.37
CA GLU A 3 -7.10 12.79 -3.60
C GLU A 3 -5.73 12.23 -3.89
N GLU A 4 -4.72 12.83 -3.29
CA GLU A 4 -3.33 12.40 -3.43
C GLU A 4 -2.97 11.49 -2.25
N LYS A 5 -3.32 12.03 -1.08
CA LYS A 5 -3.13 11.34 0.19
C LYS A 5 -3.91 10.05 0.24
N SER A 6 -5.05 10.05 -0.43
CA SER A 6 -5.90 8.87 -0.51
C SER A 6 -5.17 7.69 -1.11
N ILE A 7 -4.35 7.96 -2.12
CA ILE A 7 -3.61 6.89 -2.80
C ILE A 7 -2.54 6.24 -1.93
N ASP A 8 -2.11 7.00 -0.94
CA ASP A 8 -1.12 6.55 0.04
C ASP A 8 -1.67 5.48 0.97
N LEU A 9 -2.99 5.51 1.08
CA LEU A 9 -3.71 4.52 1.90
C LEU A 9 -3.93 3.19 1.21
N ILE A 10 -3.77 3.22 -0.10
CA ILE A 10 -3.89 2.02 -0.93
C ILE A 10 -2.66 1.73 -1.76
N GLN A 11 -1.60 2.49 -1.53
CA GLN A 11 -0.27 2.30 -2.11
C GLN A 11 0.62 1.67 -1.05
N LYS A 12 0.41 2.12 0.17
CA LYS A 12 1.04 1.51 1.34
C LYS A 12 0.61 0.05 1.49
N TRP A 13 -0.53 -0.22 0.91
CA TRP A 13 -1.14 -1.55 0.87
C TRP A 13 -0.50 -2.49 -0.16
N GLU A 14 0.09 -1.84 -1.15
CA GLU A 14 0.86 -2.49 -2.20
C GLU A 14 2.24 -2.91 -1.73
N GLU A 15 2.56 -2.50 -0.52
CA GLU A 15 3.74 -2.90 0.23
C GLU A 15 3.33 -3.97 1.22
N LYS A 16 2.12 -3.82 1.72
CA LYS A 16 1.44 -4.79 2.59
C LYS A 16 1.48 -6.16 1.95
N SER A 17 1.26 -6.15 0.65
CA SER A 17 1.28 -7.37 -0.16
C SER A 17 2.67 -7.98 -0.12
N ARG A 18 3.63 -7.06 -0.26
CA ARG A 18 5.04 -7.41 -0.26
C ARG A 18 5.55 -7.83 1.11
N GLU A 19 4.75 -7.61 2.13
CA GLU A 19 5.08 -8.01 3.50
C GLU A 19 4.79 -9.49 3.68
N PHE A 20 3.58 -9.86 3.28
CA PHE A 20 3.12 -11.23 3.29
C PHE A 20 4.13 -12.17 2.62
N ILE A 21 4.11 -12.12 1.31
CA ILE A 21 4.94 -12.94 0.45
C ILE A 21 6.40 -12.59 0.60
N GLY A 22 6.70 -11.42 1.11
CA GLY A 22 8.08 -11.00 1.37
C GLY A 22 8.71 -11.92 2.40
N SER A 23 7.89 -12.32 3.36
CA SER A 23 8.32 -13.22 4.44
C SER A 23 9.59 -12.74 5.08
N VAL A 2 -6.71 17.33 -4.65
CA VAL A 2 -6.97 16.26 -3.72
C VAL A 2 -6.76 14.91 -4.38
N GLU A 3 -7.28 13.88 -3.75
CA GLU A 3 -7.13 12.51 -4.24
C GLU A 3 -5.68 12.09 -4.24
N GLU A 4 -4.93 12.59 -3.27
CA GLU A 4 -3.52 12.33 -3.14
C GLU A 4 -3.27 11.28 -2.05
N LYS A 5 -3.29 11.79 -0.83
CA LYS A 5 -3.11 10.98 0.37
C LYS A 5 -3.94 9.72 0.32
N SER A 6 -5.12 9.84 -0.26
CA SER A 6 -6.06 8.72 -0.37
C SER A 6 -5.39 7.50 -0.95
N ILE A 7 -4.78 7.67 -2.11
CA ILE A 7 -4.13 6.52 -2.77
C ILE A 7 -2.93 5.99 -1.99
N ASP A 8 -2.33 6.91 -1.25
CA ASP A 8 -1.13 6.66 -0.46
C ASP A 8 -1.35 5.66 0.68
N LEU A 9 -2.62 5.56 1.07
CA LEU A 9 -3.00 4.61 2.10
C LEU A 9 -3.32 3.23 1.54
N ILE A 10 -3.71 3.24 0.28
CA ILE A 10 -3.99 2.02 -0.46
C ILE A 10 -2.88 1.69 -1.44
N GLN A 11 -1.80 2.44 -1.32
CA GLN A 11 -0.53 2.29 -2.05
C GLN A 11 0.44 1.61 -1.11
N LYS A 12 0.38 2.09 0.14
CA LYS A 12 1.11 1.45 1.23
C LYS A 12 0.69 -0.01 1.40
N TRP A 13 -0.53 -0.27 0.94
CA TRP A 13 -1.15 -1.59 0.99
C TRP A 13 -0.67 -2.51 -0.12
N GLU A 14 -0.19 -1.88 -1.18
CA GLU A 14 0.42 -2.53 -2.33
C GLU A 14 1.86 -2.98 -2.04
N GLU A 15 2.34 -2.57 -0.88
CA GLU A 15 3.62 -2.97 -0.30
C GLU A 15 3.34 -4.02 0.76
N LYS A 16 2.18 -3.88 1.40
CA LYS A 16 1.64 -4.83 2.36
C LYS A 16 1.52 -6.20 1.73
N SER A 17 1.09 -6.17 0.48
CA SER A 17 0.94 -7.38 -0.33
C SER A 17 2.27 -8.14 -0.36
N ARG A 18 3.30 -7.32 -0.58
CA ARG A 18 4.67 -7.81 -0.69
C ARG A 18 5.24 -8.24 0.64
N GLU A 19 4.66 -7.77 1.72
CA GLU A 19 5.08 -8.18 3.06
C GLU A 19 4.65 -9.62 3.32
N PHE A 20 3.50 -9.97 2.76
CA PHE A 20 2.96 -11.31 2.83
C PHE A 20 3.87 -12.29 2.08
N ILE A 21 3.59 -12.39 0.80
CA ILE A 21 4.32 -13.25 -0.12
C ILE A 21 5.80 -12.95 -0.14
N GLY A 22 6.18 -11.79 0.35
CA GLY A 22 7.59 -11.42 0.43
C GLY A 22 8.28 -12.16 1.56
N SER A 23 7.60 -12.21 2.69
CA SER A 23 8.11 -12.91 3.87
C SER A 23 7.39 -14.22 4.06
N VAL A 2 -6.76 16.76 -2.62
CA VAL A 2 -6.56 16.29 -3.96
C VAL A 2 -6.63 14.78 -4.06
N GLU A 3 -7.20 14.14 -3.06
CA GLU A 3 -7.29 12.68 -3.01
C GLU A 3 -5.94 12.05 -3.28
N GLU A 4 -4.92 12.63 -2.71
CA GLU A 4 -3.55 12.13 -2.83
C GLU A 4 -3.26 11.14 -1.70
N LYS A 5 -3.62 11.62 -0.51
CA LYS A 5 -3.49 10.86 0.71
C LYS A 5 -4.25 9.55 0.62
N SER A 6 -5.36 9.58 -0.09
CA SER A 6 -6.19 8.40 -0.31
C SER A 6 -5.39 7.29 -0.97
N ILE A 7 -4.60 7.64 -1.96
CA ILE A 7 -3.79 6.65 -2.69
C ILE A 7 -2.69 6.01 -1.83
N ASP A 8 -2.32 6.74 -0.80
CA ASP A 8 -1.31 6.28 0.16
C ASP A 8 -1.82 5.18 1.08
N LEU A 9 -3.14 5.18 1.21
CA LEU A 9 -3.83 4.17 2.02
C LEU A 9 -4.04 2.85 1.30
N ILE A 10 -3.91 2.92 -0.01
CA ILE A 10 -4.02 1.73 -0.87
C ILE A 10 -2.80 1.48 -1.73
N GLN A 11 -1.77 2.26 -1.51
CA GLN A 11 -0.45 2.09 -2.12
C GLN A 11 0.47 1.45 -1.10
N LYS A 12 0.27 1.86 0.14
CA LYS A 12 0.91 1.23 1.29
C LYS A 12 0.52 -0.25 1.40
N TRP A 13 -0.63 -0.52 0.81
CA TRP A 13 -1.22 -1.86 0.74
C TRP A 13 -0.58 -2.74 -0.33
N GLU A 14 0.00 -2.06 -1.30
CA GLU A 14 0.77 -2.66 -2.39
C GLU A 14 2.17 -3.06 -1.96
N GLU A 15 2.53 -2.58 -0.78
CA GLU A 15 3.76 -2.91 -0.07
C GLU A 15 3.44 -3.96 0.99
N LYS A 16 2.20 -3.92 1.45
CA LYS A 16 1.63 -4.88 2.39
C LYS A 16 1.63 -6.26 1.77
N SER A 17 1.25 -6.27 0.50
CA SER A 17 1.18 -7.50 -0.29
C SER A 17 2.54 -8.20 -0.29
N ARG A 18 3.54 -7.35 -0.53
CA ARG A 18 4.93 -7.78 -0.61
C ARG A 18 5.47 -8.19 0.74
N GLU A 19 4.86 -7.71 1.81
CA GLU A 19 5.24 -8.09 3.16
C GLU A 19 4.79 -9.50 3.47
N PHE A 20 3.65 -9.88 2.90
CA PHE A 20 3.10 -11.21 3.06
C PHE A 20 4.03 -12.25 2.45
N ILE A 21 3.89 -12.37 1.14
CA ILE A 21 4.65 -13.29 0.33
C ILE A 21 6.14 -13.01 0.37
N GLY A 22 6.51 -11.80 0.78
CA GLY A 22 7.91 -11.43 0.92
C GLY A 22 8.51 -12.02 2.17
N SER A 23 7.71 -12.13 3.20
CA SER A 23 8.03 -12.69 4.51
C SER A 23 7.92 -11.63 5.58
N VAL A 2 -8.92 16.75 -2.71
CA VAL A 2 -7.82 15.90 -2.30
C VAL A 2 -7.98 14.50 -2.85
N GLU A 3 -6.99 14.06 -3.60
CA GLU A 3 -6.99 12.72 -4.18
C GLU A 3 -5.60 12.15 -4.30
N GLU A 4 -4.69 12.64 -3.49
CA GLU A 4 -3.30 12.17 -3.49
C GLU A 4 -3.00 11.34 -2.23
N LYS A 5 -3.53 11.87 -1.13
CA LYS A 5 -3.41 11.26 0.18
C LYS A 5 -4.15 9.93 0.22
N SER A 6 -5.27 9.89 -0.47
CA SER A 6 -6.08 8.69 -0.55
C SER A 6 -5.32 7.54 -1.18
N ILE A 7 -4.54 7.85 -2.20
CA ILE A 7 -3.75 6.82 -2.89
C ILE A 7 -2.70 6.15 -2.02
N ASP A 8 -2.30 6.88 -1.00
CA ASP A 8 -1.27 6.44 -0.06
C ASP A 8 -1.78 5.36 0.90
N LEU A 9 -3.10 5.40 1.08
CA LEU A 9 -3.78 4.43 1.92
C LEU A 9 -4.06 3.10 1.23
N ILE A 10 -3.94 3.15 -0.09
CA ILE A 10 -4.12 1.97 -0.94
C ILE A 10 -2.93 1.71 -1.82
N GLN A 11 -1.83 2.37 -1.54
CA GLN A 11 -0.53 2.20 -2.19
C GLN A 11 0.39 1.49 -1.21
N LYS A 12 0.32 1.98 0.02
CA LYS A 12 0.97 1.32 1.16
C LYS A 12 0.47 -0.12 1.34
N TRP A 13 -0.70 -0.35 0.76
CA TRP A 13 -1.36 -1.64 0.77
C TRP A 13 -0.86 -2.61 -0.29
N GLU A 14 -0.26 -2.02 -1.30
CA GLU A 14 0.39 -2.71 -2.41
C GLU A 14 1.75 -3.26 -1.99
N GLU A 15 2.21 -2.75 -0.87
CA GLU A 15 3.42 -3.21 -0.18
C GLU A 15 3.00 -4.20 0.90
N LYS A 16 1.81 -3.97 1.42
CA LYS A 16 1.15 -4.85 2.38
C LYS A 16 1.06 -6.25 1.80
N SER A 17 0.73 -6.28 0.52
CA SER A 17 0.63 -7.54 -0.23
C SER A 17 2.01 -8.21 -0.30
N ARG A 18 2.98 -7.34 -0.60
CA ARG A 18 4.37 -7.75 -0.71
C ARG A 18 5.00 -8.01 0.65
N GLU A 19 4.29 -7.72 1.71
CA GLU A 19 4.76 -8.00 3.06
C GLU A 19 4.40 -9.42 3.46
N PHE A 20 3.27 -9.87 2.93
CA PHE A 20 2.80 -11.24 3.14
C PHE A 20 3.80 -12.23 2.55
N ILE A 21 3.66 -12.41 1.25
CA ILE A 21 4.47 -13.31 0.46
C ILE A 21 5.94 -12.95 0.49
N GLY A 22 6.25 -11.71 0.85
CA GLY A 22 7.63 -11.26 0.95
C GLY A 22 8.28 -11.86 2.19
N SER A 23 7.50 -11.92 3.26
CA SER A 23 7.95 -12.49 4.53
C SER A 23 9.24 -11.86 4.97
#